data_3WZ1
#
_entry.id   3WZ1
#
_cell.length_a   49.624
_cell.length_b   69.394
_cell.length_c   90.367
_cell.angle_alpha   90.00
_cell.angle_beta   90.00
_cell.angle_gamma   90.00
#
_symmetry.space_group_name_H-M   'P 21 21 21'
#
loop_
_entity.id
_entity.type
_entity.pdbx_description
1 polymer Agarase
2 non-polymer 'SODIUM ION'
3 non-polymer GLYCEROL
4 water water
#
_entity_poly.entity_id   1
_entity_poly.type   'polypeptide(L)'
_entity_poly.pdbx_seq_one_letter_code
;YAADWDGVPVPANPGSGKTWELHPLSDDFNYEAPAAGKSTRFYERWKEGFINPWTGPGLTEWHPHYSYVSGGKLAITSGR
KPGTNQVYLGSITSKAPLTYPVYMEARAKLSNMVLASDFWFLSADSTEEIDVIEAYGSDRPGQEWYAERLHLSHHVFIRD
PFQDYQPTDAGSWYADGKGTKWRDAFHRVGVYWRDPWHLEYYVDGKLVRTVSGQDIIDPNGFTGGTGLSKPMYAIINMED
QNWRSDNGITPTDAELADPNRNTYYVDWVRFYKPVPINGNAT
;
_entity_poly.pdbx_strand_id   A
#
loop_
_chem_comp.id
_chem_comp.type
_chem_comp.name
_chem_comp.formula
GOL non-polymer GLYCEROL 'C3 H8 O3'
NA non-polymer 'SODIUM ION' 'Na 1'
#
# COMPACT_ATOMS: atom_id res chain seq x y z
N ALA A 2 -17.45 -2.75 -18.23
CA ALA A 2 -16.19 -1.98 -18.44
C ALA A 2 -15.50 -1.78 -17.09
N ALA A 3 -14.19 -1.59 -17.10
CA ALA A 3 -13.43 -1.30 -15.88
C ALA A 3 -12.56 -0.08 -16.08
N ASP A 4 -12.24 0.61 -14.99
CA ASP A 4 -11.42 1.81 -15.08
C ASP A 4 -10.04 1.57 -15.66
N TRP A 5 -9.51 0.35 -15.52
CA TRP A 5 -8.18 -0.02 -16.03
C TRP A 5 -8.20 -0.59 -17.45
N ASP A 6 -9.36 -0.56 -18.12
CA ASP A 6 -9.46 -1.14 -19.47
C ASP A 6 -8.49 -0.41 -20.39
N GLY A 7 -7.68 -1.19 -21.08
CA GLY A 7 -6.68 -0.65 -22.00
C GLY A 7 -5.36 -0.31 -21.36
N VAL A 8 -5.26 -0.39 -20.03
CA VAL A 8 -4.01 -0.07 -19.34
C VAL A 8 -3.23 -1.38 -19.17
N PRO A 9 -2.13 -1.51 -19.90
CA PRO A 9 -1.49 -2.84 -19.89
C PRO A 9 -0.85 -3.19 -18.55
N VAL A 10 -0.67 -4.50 -18.35
CA VAL A 10 0.18 -5.01 -17.27
C VAL A 10 1.63 -5.03 -17.78
N PRO A 11 2.56 -4.33 -17.11
CA PRO A 11 3.91 -4.17 -17.65
C PRO A 11 4.86 -5.35 -17.41
N ALA A 12 4.50 -6.24 -16.51
CA ALA A 12 5.31 -7.41 -16.21
C ALA A 12 5.09 -8.50 -17.27
N ASN A 13 6.03 -9.44 -17.34
CA ASN A 13 6.02 -10.56 -18.29
C ASN A 13 5.52 -11.81 -17.57
N PRO A 14 4.41 -12.41 -18.04
CA PRO A 14 3.83 -13.55 -17.37
C PRO A 14 4.55 -14.86 -17.69
N GLY A 15 5.50 -14.79 -18.63
CA GLY A 15 6.22 -15.97 -19.12
C GLY A 15 5.75 -16.34 -20.52
N SER A 16 6.67 -16.93 -21.29
CA SER A 16 6.32 -17.43 -22.61
C SER A 16 5.12 -18.37 -22.56
N GLY A 17 4.18 -18.21 -23.48
CA GLY A 17 3.01 -19.05 -23.52
C GLY A 17 1.96 -18.74 -22.48
N LYS A 18 2.15 -17.66 -21.72
CA LYS A 18 1.19 -17.25 -20.71
C LYS A 18 0.61 -15.86 -20.97
N THR A 19 -0.46 -15.59 -20.24
CA THR A 19 -1.17 -14.33 -20.30
C THR A 19 -1.64 -13.96 -18.89
N TRP A 20 -2.01 -12.71 -18.70
CA TRP A 20 -2.47 -12.22 -17.41
C TRP A 20 -3.97 -12.38 -17.28
N GLU A 21 -4.38 -13.10 -16.25
CA GLU A 21 -5.79 -13.30 -15.96
C GLU A 21 -6.19 -12.48 -14.74
N LEU A 22 -7.27 -11.72 -14.88
CA LEU A 22 -7.75 -10.86 -13.80
C LEU A 22 -8.21 -11.67 -12.62
N HIS A 23 -7.70 -11.35 -11.44
CA HIS A 23 -8.08 -11.98 -10.20
C HIS A 23 -9.31 -11.24 -9.65
N PRO A 24 -10.29 -11.97 -9.10
CA PRO A 24 -11.54 -11.31 -8.71
C PRO A 24 -11.47 -10.31 -7.55
N LEU A 25 -10.37 -10.22 -6.82
CA LEU A 25 -10.22 -9.19 -5.81
C LEU A 25 -10.12 -7.78 -6.43
N SER A 26 -9.78 -7.73 -7.71
CA SER A 26 -9.64 -6.45 -8.41
C SER A 26 -10.92 -5.63 -8.29
N ASP A 27 -10.77 -4.35 -7.98
CA ASP A 27 -11.89 -3.46 -7.63
C ASP A 27 -11.55 -2.07 -8.14
N ASP A 28 -12.43 -1.51 -8.99
CA ASP A 28 -12.29 -0.13 -9.43
C ASP A 28 -13.24 0.85 -8.72
N PHE A 29 -13.92 0.37 -7.68
CA PHE A 29 -14.59 1.26 -6.71
C PHE A 29 -15.67 2.13 -7.34
N ASN A 30 -16.38 1.57 -8.31
CA ASN A 30 -17.50 2.26 -8.93
C ASN A 30 -18.82 1.84 -8.29
N TYR A 31 -18.91 2.16 -7.02
CA TYR A 31 -20.12 1.92 -6.22
C TYR A 31 -20.10 2.89 -5.05
N GLU A 32 -21.21 2.98 -4.35
CA GLU A 32 -21.33 3.89 -3.21
C GLU A 32 -21.33 3.03 -1.93
N ALA A 33 -20.32 3.25 -1.09
CA ALA A 33 -20.23 2.57 0.22
C ALA A 33 -19.91 3.63 1.26
N PRO A 34 -20.95 4.18 1.89
CA PRO A 34 -20.76 5.20 2.90
C PRO A 34 -19.92 4.75 4.07
N ALA A 35 -19.27 5.70 4.72
CA ALA A 35 -18.35 5.42 5.81
C ALA A 35 -18.93 4.47 6.84
N ALA A 36 -20.13 4.77 7.35
CA ALA A 36 -20.80 3.89 8.32
C ALA A 36 -21.68 2.91 7.56
N GLY A 37 -21.33 1.63 7.60
CA GLY A 37 -22.16 0.57 7.01
C GLY A 37 -21.70 0.08 5.65
N LYS A 38 -20.91 0.90 4.95
CA LYS A 38 -20.37 0.50 3.65
C LYS A 38 -21.48 0.04 2.68
N SER A 39 -21.27 -1.09 2.01
CA SER A 39 -22.24 -1.60 1.03
C SER A 39 -22.05 -3.08 0.82
N THR A 40 -23.05 -3.73 0.22
CA THR A 40 -22.95 -5.14 -0.06
C THR A 40 -21.73 -5.41 -0.96
N ARG A 41 -21.55 -4.58 -1.98
CA ARG A 41 -20.43 -4.79 -2.92
C ARG A 41 -19.09 -4.62 -2.20
N PHE A 42 -18.99 -3.64 -1.32
CA PHE A 42 -17.75 -3.46 -0.55
C PHE A 42 -17.38 -4.76 0.16
N TYR A 43 -18.34 -5.35 0.86
CA TYR A 43 -18.07 -6.52 1.67
C TYR A 43 -17.88 -7.82 0.89
N GLU A 44 -18.14 -7.80 -0.42
CA GLU A 44 -17.81 -8.95 -1.24
C GLU A 44 -16.31 -9.22 -1.26
N ARG A 45 -15.52 -8.15 -1.14
CA ARG A 45 -14.06 -8.26 -1.21
C ARG A 45 -13.32 -7.87 0.05
N TRP A 46 -13.88 -6.90 0.78
CA TRP A 46 -13.12 -6.14 1.79
C TRP A 46 -13.70 -6.23 3.18
N LYS A 47 -12.83 -6.06 4.15
CA LYS A 47 -13.26 -5.78 5.51
C LYS A 47 -12.68 -4.43 5.94
N GLU A 48 -13.35 -3.76 6.88
CA GLU A 48 -12.74 -2.57 7.49
C GLU A 48 -11.62 -3.00 8.42
N GLY A 49 -10.58 -2.19 8.53
CA GLY A 49 -9.48 -2.42 9.46
C GLY A 49 -8.32 -3.19 8.85
N PHE A 50 -7.80 -4.12 9.64
CA PHE A 50 -6.48 -4.73 9.44
C PHE A 50 -6.68 -6.24 9.38
N ILE A 51 -5.58 -6.99 9.30
CA ILE A 51 -5.67 -8.47 9.28
C ILE A 51 -6.08 -9.04 10.63
N ASN A 52 -5.96 -8.23 11.69
CA ASN A 52 -6.31 -8.64 13.05
C ASN A 52 -6.77 -7.39 13.81
N PRO A 53 -7.13 -7.52 15.10
CA PRO A 53 -7.67 -6.35 15.78
C PRO A 53 -6.71 -5.21 16.13
N TRP A 54 -5.41 -5.35 15.84
CA TRP A 54 -4.48 -4.26 16.11
C TRP A 54 -4.94 -2.97 15.47
N THR A 55 -4.87 -1.87 16.20
CA THR A 55 -5.34 -0.59 15.67
C THR A 55 -4.25 0.32 15.10
N GLY A 56 -3.00 -0.16 15.09
CA GLY A 56 -1.97 0.45 14.26
C GLY A 56 -0.76 1.03 14.96
N PRO A 57 0.22 1.46 14.16
CA PRO A 57 1.50 1.93 14.63
C PRO A 57 1.43 3.37 15.10
N GLY A 58 2.51 3.83 15.72
CA GLY A 58 2.64 5.25 16.02
C GLY A 58 1.47 5.77 16.81
N LEU A 59 0.94 6.89 16.36
CA LEU A 59 -0.26 7.53 16.94
C LEU A 59 -1.53 7.12 16.17
N THR A 60 -1.44 6.11 15.32
CA THR A 60 -2.57 5.63 14.52
C THR A 60 -3.63 4.94 15.40
N GLU A 61 -4.88 5.22 15.10
CA GLU A 61 -5.94 4.34 15.48
C GLU A 61 -6.88 4.12 14.30
N TRP A 62 -6.76 2.97 13.65
CA TRP A 62 -7.62 2.71 12.49
C TRP A 62 -9.08 2.70 12.90
N HIS A 63 -9.91 3.29 12.06
CA HIS A 63 -11.31 3.58 12.40
C HIS A 63 -12.18 3.32 11.17
N PRO A 64 -13.25 2.52 11.32
CA PRO A 64 -14.03 2.12 10.15
C PRO A 64 -14.67 3.31 9.40
N HIS A 65 -15.00 4.37 10.11
CA HIS A 65 -15.70 5.51 9.47
C HIS A 65 -14.76 6.48 8.74
N TYR A 66 -13.49 6.11 8.68
CA TYR A 66 -12.45 6.88 7.96
C TYR A 66 -12.07 6.21 6.64
N SER A 67 -12.84 5.22 6.22
CA SER A 67 -12.83 4.73 4.83
C SER A 67 -14.24 4.79 4.26
N TYR A 68 -14.33 5.07 2.96
CA TYR A 68 -15.61 5.05 2.25
C TYR A 68 -15.32 4.96 0.76
N VAL A 69 -16.34 4.58 0.00
CA VAL A 69 -16.24 4.49 -1.44
C VAL A 69 -17.29 5.41 -2.04
N SER A 70 -16.84 6.33 -2.88
CA SER A 70 -17.75 7.27 -3.56
C SER A 70 -17.10 7.91 -4.78
N GLY A 71 -17.93 8.24 -5.76
CA GLY A 71 -17.47 8.98 -6.93
C GLY A 71 -16.38 8.30 -7.71
N GLY A 72 -16.39 6.96 -7.69
CA GLY A 72 -15.43 6.11 -8.43
C GLY A 72 -14.10 5.84 -7.70
N LYS A 73 -14.01 6.25 -6.44
CA LYS A 73 -12.75 6.14 -5.70
C LYS A 73 -13.01 5.57 -4.32
N LEU A 74 -12.06 4.76 -3.86
CA LEU A 74 -11.92 4.51 -2.43
C LEU A 74 -11.23 5.70 -1.80
N ALA A 75 -11.79 6.18 -0.68
CA ALA A 75 -11.22 7.27 0.09
C ALA A 75 -10.79 6.74 1.45
N ILE A 76 -9.55 7.02 1.80
CA ILE A 76 -8.98 6.79 3.10
C ILE A 76 -8.71 8.16 3.69
N THR A 77 -9.42 8.52 4.76
CA THR A 77 -9.26 9.84 5.34
C THR A 77 -8.66 9.77 6.76
N SER A 78 -8.57 10.92 7.39
CA SER A 78 -7.84 11.11 8.63
C SER A 78 -8.54 12.17 9.46
N GLY A 79 -8.36 12.09 10.76
CA GLY A 79 -8.87 13.11 11.69
C GLY A 79 -8.25 12.97 13.05
N ARG A 80 -8.31 14.03 13.82
CA ARG A 80 -7.82 13.98 15.20
C ARG A 80 -8.80 13.19 16.04
N LYS A 81 -8.28 12.29 16.87
CA LYS A 81 -9.11 11.63 17.88
C LYS A 81 -9.30 12.64 19.01
N PRO A 82 -10.55 13.10 19.23
CA PRO A 82 -10.75 14.22 20.15
C PRO A 82 -10.17 14.01 21.54
N GLY A 83 -9.49 15.03 22.03
CA GLY A 83 -8.91 15.04 23.37
C GLY A 83 -7.65 14.22 23.53
N THR A 84 -7.05 13.78 22.43
CA THR A 84 -5.85 12.95 22.47
C THR A 84 -4.86 13.46 21.43
N ASN A 85 -3.70 12.83 21.36
CA ASN A 85 -2.73 13.07 20.30
CA ASN A 85 -2.73 13.07 20.30
C ASN A 85 -2.82 12.04 19.19
N GLN A 86 -3.83 11.18 19.25
CA GLN A 86 -3.97 10.09 18.28
CA GLN A 86 -3.92 10.12 18.25
C GLN A 86 -4.64 10.58 17.00
N VAL A 87 -4.48 9.80 15.94
CA VAL A 87 -4.99 10.10 14.61
C VAL A 87 -5.86 8.94 14.15
N TYR A 88 -7.15 9.21 13.97
CA TYR A 88 -8.03 8.27 13.34
C TYR A 88 -7.72 8.20 11.85
N LEU A 89 -7.53 6.99 11.34
CA LEU A 89 -7.16 6.75 9.94
C LEU A 89 -7.95 5.62 9.31
N GLY A 90 -8.24 5.75 8.02
CA GLY A 90 -8.90 4.68 7.30
C GLY A 90 -8.00 3.49 7.06
N SER A 91 -8.63 2.33 6.91
CA SER A 91 -7.94 1.10 6.55
C SER A 91 -8.94 0.10 6.09
N ILE A 92 -8.66 -0.60 4.98
CA ILE A 92 -9.43 -1.77 4.57
C ILE A 92 -8.45 -2.88 4.22
N THR A 93 -8.92 -4.12 4.37
CA THR A 93 -8.12 -5.32 4.14
C THR A 93 -8.93 -6.32 3.32
N SER A 94 -8.27 -7.02 2.41
CA SER A 94 -8.96 -8.06 1.64
C SER A 94 -9.40 -9.21 2.57
N LYS A 95 -10.55 -9.79 2.26
CA LYS A 95 -11.04 -10.93 3.04
C LYS A 95 -10.22 -12.20 2.77
N ALA A 96 -9.67 -12.29 1.57
CA ALA A 96 -8.84 -13.43 1.18
C ALA A 96 -7.46 -12.95 0.75
N PRO A 97 -6.43 -13.78 0.92
CA PRO A 97 -5.08 -13.41 0.57
C PRO A 97 -4.69 -13.83 -0.83
N LEU A 98 -3.57 -13.28 -1.30
CA LEU A 98 -2.96 -13.61 -2.56
C LEU A 98 -1.68 -14.38 -2.35
N THR A 99 -1.29 -15.12 -3.38
CA THR A 99 -0.02 -15.84 -3.38
CA THR A 99 -0.01 -15.82 -3.36
C THR A 99 0.72 -15.60 -4.68
N TYR A 100 2.04 -15.67 -4.64
CA TYR A 100 2.85 -15.60 -5.85
C TYR A 100 2.51 -16.81 -6.73
N PRO A 101 2.68 -16.68 -8.05
CA PRO A 101 3.00 -15.47 -8.78
C PRO A 101 1.76 -14.60 -8.96
N VAL A 102 1.93 -13.29 -8.78
CA VAL A 102 0.83 -12.38 -8.93
C VAL A 102 1.35 -10.97 -9.17
N TYR A 103 0.68 -10.24 -10.06
CA TYR A 103 0.96 -8.81 -10.26
C TYR A 103 -0.10 -8.02 -9.51
N MET A 104 0.32 -7.08 -8.68
CA MET A 104 -0.55 -6.35 -7.76
C MET A 104 -0.33 -4.86 -7.95
N GLU A 105 -1.39 -4.11 -8.28
CA GLU A 105 -1.22 -2.71 -8.69
C GLU A 105 -2.34 -1.84 -8.17
N ALA A 106 -1.99 -0.62 -7.76
CA ALA A 106 -2.98 0.39 -7.42
C ALA A 106 -2.77 1.63 -8.24
N ARG A 107 -3.87 2.31 -8.57
CA ARG A 107 -3.80 3.66 -9.12
C ARG A 107 -4.36 4.58 -8.05
N ALA A 108 -3.52 5.52 -7.60
CA ALA A 108 -3.84 6.24 -6.35
C ALA A 108 -3.20 7.61 -6.30
N LYS A 109 -3.80 8.47 -5.47
CA LYS A 109 -3.29 9.84 -5.22
C LYS A 109 -3.03 9.95 -3.74
N LEU A 110 -1.76 10.06 -3.38
CA LEU A 110 -1.35 10.17 -1.99
C LEU A 110 -2.06 11.34 -1.30
N SER A 111 -2.30 11.20 -0.01
CA SER A 111 -2.73 12.35 0.76
C SER A 111 -1.58 13.35 0.90
N ASN A 112 -1.93 14.63 1.05
CA ASN A 112 -0.95 15.68 1.22
C ASN A 112 -0.70 15.86 2.70
N MET A 113 -0.05 14.83 3.26
CA MET A 113 0.17 14.70 4.68
C MET A 113 1.50 14.03 4.95
N VAL A 114 1.99 14.17 6.18
CA VAL A 114 3.20 13.47 6.60
C VAL A 114 2.96 11.99 6.90
N LEU A 115 1.68 11.62 6.97
CA LEU A 115 1.27 10.23 7.11
C LEU A 115 1.71 9.41 5.92
N ALA A 116 1.94 8.13 6.15
CA ALA A 116 2.10 7.17 5.05
C ALA A 116 0.77 6.92 4.36
N SER A 117 0.74 7.01 3.02
CA SER A 117 -0.34 6.53 2.18
C SER A 117 0.14 5.18 1.65
N ASP A 118 -0.61 4.11 1.94
CA ASP A 118 -0.13 2.74 1.74
C ASP A 118 -1.05 1.86 0.89
N PHE A 119 -0.41 1.01 0.08
CA PHE A 119 -1.04 -0.14 -0.60
C PHE A 119 -0.02 -1.24 -0.43
N TRP A 120 -0.38 -2.22 0.40
CA TRP A 120 0.64 -3.15 0.86
C TRP A 120 0.02 -4.50 1.22
N PHE A 121 0.91 -5.44 1.57
CA PHE A 121 0.59 -6.85 1.70
C PHE A 121 1.24 -7.42 2.92
N LEU A 122 0.49 -8.23 3.67
CA LEU A 122 1.01 -8.82 4.91
C LEU A 122 0.45 -10.21 5.12
N SER A 123 1.32 -11.13 5.54
CA SER A 123 0.90 -12.48 5.88
C SER A 123 0.07 -12.49 7.16
N ALA A 124 -0.76 -13.52 7.33
CA ALA A 124 -1.64 -13.59 8.50
C ALA A 124 -0.89 -13.53 9.83
N ASP A 125 0.34 -14.03 9.84
CA ASP A 125 1.16 -14.07 11.04
C ASP A 125 2.08 -12.86 11.20
N SER A 126 1.95 -11.87 10.30
CA SER A 126 2.73 -10.61 10.37
C SER A 126 4.25 -10.77 10.24
N THR A 127 4.71 -11.84 9.57
CA THR A 127 6.13 -12.05 9.40
C THR A 127 6.65 -11.67 8.02
N GLU A 128 5.76 -11.57 7.02
CA GLU A 128 6.18 -11.30 5.65
C GLU A 128 5.30 -10.21 5.04
N GLU A 129 5.95 -9.20 4.46
CA GLU A 129 5.30 -7.98 4.00
C GLU A 129 5.90 -7.51 2.68
N ILE A 130 5.04 -7.10 1.75
CA ILE A 130 5.45 -6.41 0.52
C ILE A 130 4.76 -5.06 0.47
N ASP A 131 5.53 -3.99 0.31
CA ASP A 131 5.00 -2.61 0.21
C ASP A 131 5.03 -2.09 -1.22
N VAL A 132 3.85 -1.89 -1.80
CA VAL A 132 3.72 -1.46 -3.18
C VAL A 132 3.68 0.07 -3.24
N ILE A 133 2.62 0.68 -2.68
CA ILE A 133 2.64 2.12 -2.38
C ILE A 133 2.93 2.30 -0.89
N GLU A 134 4.01 3.01 -0.60
CA GLU A 134 4.28 3.54 0.73
C GLU A 134 4.99 4.86 0.50
N ALA A 135 4.30 5.95 0.78
CA ALA A 135 4.83 7.24 0.42
C ALA A 135 4.18 8.33 1.24
N TYR A 136 4.87 9.48 1.32
CA TYR A 136 4.49 10.55 2.24
C TYR A 136 4.32 11.79 1.39
N GLY A 137 3.07 12.23 1.20
CA GLY A 137 2.76 13.28 0.22
C GLY A 137 2.99 14.73 0.62
N SER A 138 3.31 14.96 1.91
CA SER A 138 3.31 16.30 2.50
C SER A 138 4.05 17.36 1.68
N ASP A 139 3.37 18.50 1.51
CA ASP A 139 3.96 19.70 0.90
C ASP A 139 4.58 20.63 1.96
N ARG A 140 4.77 20.15 3.20
CA ARG A 140 5.41 21.00 4.23
C ARG A 140 6.77 21.48 3.76
N PRO A 141 7.10 22.74 4.05
CA PRO A 141 8.50 23.10 3.84
C PRO A 141 9.46 22.21 4.63
N GLY A 142 10.52 21.72 4.00
CA GLY A 142 11.44 20.80 4.64
C GLY A 142 11.11 19.32 4.44
N GLN A 143 10.00 19.06 3.74
CA GLN A 143 9.60 17.69 3.36
C GLN A 143 9.64 17.45 1.87
N GLU A 144 10.25 18.37 1.12
CA GLU A 144 10.23 18.27 -0.32
C GLU A 144 10.89 16.97 -0.84
N TRP A 145 11.93 16.52 -0.17
CA TRP A 145 12.61 15.29 -0.60
C TRP A 145 11.63 14.12 -0.59
N TYR A 146 10.88 13.99 0.51
CA TYR A 146 9.93 12.88 0.62
C TYR A 146 8.78 13.00 -0.37
N ALA A 147 8.34 14.21 -0.65
CA ALA A 147 7.25 14.44 -1.59
C ALA A 147 7.58 14.02 -3.03
N GLU A 148 8.86 13.93 -3.34
CA GLU A 148 9.30 13.46 -4.65
C GLU A 148 9.67 11.98 -4.70
N ARG A 149 9.36 11.22 -3.65
CA ARG A 149 9.84 9.84 -3.52
CA ARG A 149 9.78 9.81 -3.63
C ARG A 149 8.68 8.85 -3.29
N LEU A 150 8.81 7.64 -3.83
CA LEU A 150 7.96 6.48 -3.47
C LEU A 150 8.88 5.48 -2.78
N HIS A 151 8.48 4.98 -1.61
CA HIS A 151 9.29 4.02 -0.90
C HIS A 151 8.93 2.63 -1.45
N LEU A 152 9.89 1.99 -2.10
CA LEU A 152 9.68 0.67 -2.71
C LEU A 152 10.37 -0.34 -1.84
N SER A 153 9.60 -1.17 -1.13
CA SER A 153 10.20 -1.98 -0.09
C SER A 153 9.41 -3.22 0.24
N HIS A 154 9.96 -3.97 1.19
CA HIS A 154 9.31 -5.15 1.73
C HIS A 154 9.93 -5.38 3.10
N HIS A 155 9.25 -6.14 3.95
CA HIS A 155 9.82 -6.47 5.26
C HIS A 155 9.70 -7.95 5.54
N VAL A 156 10.68 -8.47 6.29
CA VAL A 156 10.52 -9.75 6.93
C VAL A 156 10.80 -9.53 8.41
N PHE A 157 10.01 -10.18 9.24
CA PHE A 157 10.07 -10.00 10.70
C PHE A 157 10.27 -11.31 11.42
N ILE A 158 10.86 -11.20 12.61
CA ILE A 158 10.68 -12.20 13.66
C ILE A 158 9.84 -11.47 14.71
N ARG A 159 8.76 -12.09 15.16
CA ARG A 159 7.82 -11.40 16.05
C ARG A 159 8.36 -11.26 17.49
N ASP A 160 9.05 -12.29 17.97
CA ASP A 160 9.48 -12.32 19.39
C ASP A 160 10.76 -13.16 19.52
N PRO A 161 11.90 -12.53 19.89
CA PRO A 161 12.12 -11.09 20.09
C PRO A 161 11.98 -10.39 18.76
N PHE A 162 11.38 -9.22 18.78
CA PHE A 162 11.07 -8.48 17.55
C PHE A 162 12.32 -8.05 16.76
N GLN A 163 12.33 -8.41 15.48
CA GLN A 163 13.37 -7.97 14.55
C GLN A 163 12.69 -7.64 13.22
N ASP A 164 13.22 -6.64 12.53
CA ASP A 164 12.59 -6.11 11.31
C ASP A 164 13.69 -5.87 10.30
N TYR A 165 13.62 -6.54 9.14
CA TYR A 165 14.51 -6.26 8.03
C TYR A 165 13.72 -5.69 6.85
N GLN A 166 14.25 -4.64 6.24
CA GLN A 166 13.87 -4.22 4.87
C GLN A 166 15.12 -3.79 4.13
N PRO A 167 15.07 -3.78 2.78
CA PRO A 167 16.22 -3.19 2.06
C PRO A 167 16.34 -1.73 2.40
N THR A 168 17.57 -1.22 2.44
CA THR A 168 17.81 0.18 2.78
C THR A 168 18.78 0.89 1.83
N ASP A 169 19.04 0.30 0.67
CA ASP A 169 19.87 0.99 -0.34
C ASP A 169 19.13 2.20 -0.89
N ALA A 170 19.87 3.13 -1.51
CA ALA A 170 19.28 4.39 -1.99
C ALA A 170 18.13 4.21 -2.96
N GLY A 171 18.19 3.17 -3.81
CA GLY A 171 17.17 2.95 -4.80
C GLY A 171 15.83 2.49 -4.22
N SER A 172 15.79 2.18 -2.93
CA SER A 172 14.50 1.89 -2.27
C SER A 172 13.62 3.13 -2.09
N TRP A 173 14.17 4.32 -2.34
CA TRP A 173 13.36 5.53 -2.40
C TRP A 173 13.43 6.09 -3.82
N TYR A 174 12.37 5.88 -4.58
CA TYR A 174 12.35 6.16 -6.01
C TYR A 174 11.83 7.56 -6.33
N ALA A 175 12.62 8.30 -7.13
CA ALA A 175 12.19 9.56 -7.72
C ALA A 175 12.36 9.42 -9.25
N ASP A 176 11.56 10.13 -10.03
CA ASP A 176 11.62 9.98 -11.50
C ASP A 176 12.67 10.85 -12.18
N GLY A 177 13.33 11.73 -11.42
CA GLY A 177 14.33 12.64 -11.99
C GLY A 177 13.75 13.85 -12.68
N LYS A 178 12.42 13.97 -12.70
CA LYS A 178 11.74 15.09 -13.33
C LYS A 178 11.13 16.04 -12.29
N GLY A 179 11.33 15.73 -11.00
CA GLY A 179 10.77 16.56 -9.91
C GLY A 179 9.29 16.31 -9.60
N THR A 180 8.75 15.19 -10.09
CA THR A 180 7.35 14.85 -9.90
C THR A 180 7.07 14.68 -8.42
N LYS A 181 6.03 15.35 -7.97
CA LYS A 181 5.53 15.19 -6.61
C LYS A 181 4.33 14.27 -6.75
N TRP A 182 4.50 13.05 -6.25
CA TRP A 182 3.53 11.98 -6.50
C TRP A 182 2.12 12.36 -6.02
N ARG A 183 2.04 13.11 -4.92
CA ARG A 183 0.74 13.57 -4.40
C ARG A 183 -0.10 14.42 -5.36
N ASP A 184 0.51 14.98 -6.40
CA ASP A 184 -0.21 15.90 -7.27
C ASP A 184 -1.16 15.28 -8.28
N ALA A 185 -1.12 13.96 -8.46
CA ALA A 185 -1.94 13.28 -9.45
C ALA A 185 -2.09 11.83 -9.09
N PHE A 186 -3.02 11.16 -9.75
CA PHE A 186 -3.07 9.70 -9.68
C PHE A 186 -1.90 9.07 -10.43
N HIS A 187 -1.25 8.10 -9.80
CA HIS A 187 -0.17 7.34 -10.42
C HIS A 187 -0.44 5.88 -10.19
N ARG A 188 0.11 5.03 -11.05
CA ARG A 188 -0.09 3.61 -10.81
C ARG A 188 1.21 2.98 -10.38
N VAL A 189 1.13 2.18 -9.33
CA VAL A 189 2.32 1.55 -8.79
C VAL A 189 1.98 0.09 -8.63
N GLY A 190 2.81 -0.77 -9.18
CA GLY A 190 2.58 -2.20 -9.10
C GLY A 190 3.82 -3.00 -8.75
N VAL A 191 3.58 -4.20 -8.20
CA VAL A 191 4.67 -5.15 -8.00
C VAL A 191 4.30 -6.48 -8.64
N TYR A 192 5.28 -7.06 -9.35
CA TYR A 192 5.20 -8.46 -9.71
C TYR A 192 5.88 -9.25 -8.63
N TRP A 193 5.07 -9.91 -7.81
CA TRP A 193 5.55 -10.86 -6.82
C TRP A 193 5.62 -12.19 -7.55
N ARG A 194 6.79 -12.44 -8.16
CA ARG A 194 6.97 -13.60 -9.05
C ARG A 194 7.16 -14.91 -8.32
N ASP A 195 8.00 -14.87 -7.29
CA ASP A 195 8.33 -16.04 -6.48
C ASP A 195 8.93 -15.52 -5.19
N PRO A 196 9.27 -16.41 -4.24
CA PRO A 196 9.67 -15.93 -2.93
C PRO A 196 10.96 -15.09 -2.92
N TRP A 197 11.72 -15.11 -4.00
CA TRP A 197 12.99 -14.41 -4.07
C TRP A 197 13.05 -13.34 -5.17
N HIS A 198 11.90 -12.91 -5.69
CA HIS A 198 11.93 -12.00 -6.82
C HIS A 198 10.72 -11.10 -6.88
N LEU A 199 10.98 -9.80 -6.69
CA LEU A 199 10.00 -8.72 -6.81
C LEU A 199 10.42 -7.73 -7.88
N GLU A 200 9.45 -7.28 -8.68
CA GLU A 200 9.67 -6.20 -9.65
C GLU A 200 8.70 -5.07 -9.38
N TYR A 201 9.23 -3.85 -9.29
CA TYR A 201 8.40 -2.65 -9.05
C TYR A 201 8.20 -1.84 -10.31
N TYR A 202 6.96 -1.44 -10.56
CA TYR A 202 6.58 -0.68 -11.75
C TYR A 202 5.85 0.60 -11.37
N VAL A 203 6.27 1.72 -11.95
CA VAL A 203 5.63 3.01 -11.70
C VAL A 203 5.14 3.54 -13.04
N ASP A 204 3.83 3.79 -13.15
CA ASP A 204 3.24 4.31 -14.38
C ASP A 204 3.67 3.51 -15.61
N GLY A 205 3.66 2.18 -15.46
CA GLY A 205 3.89 1.26 -16.54
C GLY A 205 5.32 0.91 -16.84
N LYS A 206 6.26 1.42 -16.05
CA LYS A 206 7.69 1.20 -16.33
C LYS A 206 8.36 0.49 -15.19
N LEU A 207 9.20 -0.50 -15.51
CA LEU A 207 10.01 -1.18 -14.50
C LEU A 207 11.01 -0.19 -13.94
N VAL A 208 10.99 0.02 -12.63
CA VAL A 208 11.95 0.92 -11.99
C VAL A 208 12.90 0.27 -11.00
N ARG A 209 12.60 -0.94 -10.51
CA ARG A 209 13.46 -1.61 -9.53
C ARG A 209 13.16 -3.07 -9.49
N THR A 210 14.23 -3.89 -9.42
CA THR A 210 14.11 -5.32 -9.26
C THR A 210 14.81 -5.69 -7.98
N VAL A 211 14.12 -6.44 -7.12
CA VAL A 211 14.67 -6.89 -5.87
C VAL A 211 14.68 -8.42 -5.91
N SER A 212 15.87 -9.01 -6.07
CA SER A 212 15.98 -10.42 -6.44
C SER A 212 17.15 -11.08 -5.70
N GLY A 213 16.90 -12.24 -5.12
CA GLY A 213 17.93 -13.04 -4.43
C GLY A 213 17.92 -12.88 -2.93
N GLN A 214 18.38 -13.92 -2.25
CA GLN A 214 18.38 -13.98 -0.78
C GLN A 214 19.14 -12.82 -0.13
N ASP A 215 20.22 -12.37 -0.77
CA ASP A 215 21.07 -11.34 -0.16
C ASP A 215 20.33 -10.02 0.04
N ILE A 216 19.31 -9.75 -0.78
CA ILE A 216 18.51 -8.53 -0.60
C ILE A 216 17.11 -8.83 -0.06
N ILE A 217 16.57 -10.02 -0.35
CA ILE A 217 15.23 -10.37 0.14
C ILE A 217 15.26 -10.68 1.65
N ASP A 218 16.25 -11.45 2.09
CA ASP A 218 16.30 -11.91 3.48
C ASP A 218 17.70 -12.34 3.87
N PRO A 219 18.63 -11.38 3.89
CA PRO A 219 20.02 -11.76 4.17
C PRO A 219 20.21 -12.28 5.60
N ASN A 220 19.36 -11.88 6.54
CA ASN A 220 19.47 -12.32 7.94
C ASN A 220 18.79 -13.66 8.25
N GLY A 221 18.11 -14.26 7.26
CA GLY A 221 17.53 -15.57 7.44
C GLY A 221 16.27 -15.61 8.27
N PHE A 222 15.56 -14.48 8.37
CA PHE A 222 14.34 -14.42 9.16
C PHE A 222 13.22 -15.32 8.65
N THR A 223 13.23 -15.64 7.36
CA THR A 223 12.25 -16.54 6.78
C THR A 223 12.70 -18.01 6.78
N GLY A 224 13.85 -18.32 7.36
CA GLY A 224 14.26 -19.73 7.45
C GLY A 224 14.43 -20.37 6.09
N GLY A 225 14.89 -19.60 5.09
CA GLY A 225 15.13 -20.10 3.74
C GLY A 225 13.92 -20.23 2.82
N THR A 226 12.78 -19.70 3.26
CA THR A 226 11.53 -19.81 2.49
C THR A 226 11.21 -18.57 1.66
N GLY A 227 11.82 -17.43 1.97
CA GLY A 227 11.54 -16.19 1.24
C GLY A 227 10.16 -15.64 1.46
N LEU A 228 9.73 -14.77 0.54
CA LEU A 228 8.40 -14.15 0.60
C LEU A 228 7.41 -15.11 -0.03
N SER A 229 6.89 -16.00 0.79
CA SER A 229 6.16 -17.19 0.30
C SER A 229 4.78 -17.39 0.92
N LYS A 230 4.51 -16.77 2.06
CA LYS A 230 3.22 -16.93 2.74
C LYS A 230 2.14 -16.17 1.99
N PRO A 231 0.89 -16.67 2.04
CA PRO A 231 -0.18 -15.86 1.46
C PRO A 231 -0.26 -14.50 2.14
N MET A 232 -0.54 -13.45 1.37
CA MET A 232 -0.59 -12.11 1.95
C MET A 232 -1.90 -11.42 1.62
N TYR A 233 -2.42 -10.70 2.61
CA TYR A 233 -3.65 -9.94 2.45
C TYR A 233 -3.33 -8.55 1.91
N ALA A 234 -4.19 -8.07 1.02
CA ALA A 234 -4.08 -6.70 0.51
C ALA A 234 -4.61 -5.72 1.55
N ILE A 235 -3.86 -4.64 1.79
CA ILE A 235 -4.24 -3.63 2.76
C ILE A 235 -4.08 -2.27 2.13
N ILE A 236 -5.09 -1.44 2.30
CA ILE A 236 -5.06 -0.05 1.84
C ILE A 236 -5.31 0.78 3.07
N ASN A 237 -4.36 1.63 3.44
CA ASN A 237 -4.54 2.41 4.64
C ASN A 237 -3.78 3.71 4.58
N MET A 238 -3.93 4.54 5.61
CA MET A 238 -2.87 5.44 6.00
C MET A 238 -2.33 5.00 7.35
N GLU A 239 -1.10 5.41 7.61
CA GLU A 239 -0.43 5.15 8.89
C GLU A 239 0.31 6.38 9.38
N ASP A 240 0.19 6.64 10.67
CA ASP A 240 1.14 7.47 11.39
C ASP A 240 2.18 6.48 11.89
N GLN A 241 3.38 6.50 11.31
CA GLN A 241 4.40 5.49 11.56
C GLN A 241 5.37 5.94 12.62
N ASN A 242 5.85 5.01 13.43
CA ASN A 242 6.71 5.36 14.56
C ASN A 242 8.00 6.09 14.16
N TRP A 243 8.64 5.68 13.07
CA TRP A 243 9.89 6.33 12.67
C TRP A 243 9.67 7.82 12.39
N ARG A 244 8.42 8.21 12.10
CA ARG A 244 8.06 9.61 11.93
C ARG A 244 7.63 10.25 13.26
N SER A 245 6.54 9.75 13.87
CA SER A 245 5.94 10.44 14.99
C SER A 245 6.71 10.28 16.31
N ASP A 246 7.49 9.21 16.45
CA ASP A 246 8.35 9.08 17.65
C ASP A 246 9.35 10.22 17.64
N ASN A 247 9.65 10.70 16.43
CA ASN A 247 10.72 11.63 16.18
C ASN A 247 10.27 13.01 15.79
N GLY A 248 8.99 13.33 16.07
CA GLY A 248 8.47 14.68 15.95
C GLY A 248 7.79 15.06 14.65
N ILE A 249 7.50 14.08 13.79
CA ILE A 249 6.77 14.34 12.55
C ILE A 249 5.45 13.58 12.57
N THR A 250 4.36 14.33 12.71
CA THR A 250 3.01 13.80 12.82
C THR A 250 2.06 14.93 12.44
N PRO A 251 0.86 14.61 11.94
CA PRO A 251 0.00 15.69 11.48
C PRO A 251 -0.43 16.67 12.58
N THR A 252 -0.60 17.91 12.19
CA THR A 252 -1.16 18.91 13.08
C THR A 252 -2.69 18.88 13.00
N ASP A 253 -3.36 19.47 13.99
CA ASP A 253 -4.80 19.59 13.93
C ASP A 253 -5.27 20.34 12.66
N ALA A 254 -4.52 21.36 12.26
CA ALA A 254 -4.88 22.15 11.10
C ALA A 254 -4.83 21.32 9.81
N GLU A 255 -3.82 20.45 9.70
CA GLU A 255 -3.71 19.55 8.55
C GLU A 255 -4.85 18.53 8.55
N LEU A 256 -5.14 17.96 9.71
CA LEU A 256 -6.17 16.93 9.81
C LEU A 256 -7.56 17.46 9.52
N ALA A 257 -7.75 18.75 9.80
CA ALA A 257 -9.01 19.40 9.54
C ALA A 257 -9.21 19.86 8.11
N ASP A 258 -8.15 19.83 7.30
CA ASP A 258 -8.20 20.32 5.92
C ASP A 258 -8.65 19.26 4.91
N PRO A 259 -9.88 19.37 4.38
CA PRO A 259 -10.43 18.32 3.53
C PRO A 259 -9.68 18.20 2.21
N ASN A 260 -8.92 19.21 1.84
CA ASN A 260 -8.13 19.16 0.61
C ASN A 260 -6.79 18.50 0.78
N ARG A 261 -6.40 18.18 2.00
CA ARG A 261 -5.13 17.52 2.27
C ARG A 261 -5.25 16.18 2.95
N ASN A 262 -6.35 15.94 3.65
CA ASN A 262 -6.36 14.89 4.66
C ASN A 262 -6.81 13.53 4.14
N THR A 263 -6.92 13.39 2.82
CA THR A 263 -7.49 12.19 2.24
C THR A 263 -6.63 11.61 1.13
N TYR A 264 -6.50 10.28 1.18
CA TYR A 264 -5.75 9.46 0.21
C TYR A 264 -6.77 8.75 -0.64
N TYR A 265 -6.66 8.84 -1.95
CA TYR A 265 -7.68 8.31 -2.86
C TYR A 265 -7.13 7.20 -3.72
N VAL A 266 -7.91 6.13 -3.87
CA VAL A 266 -7.51 5.00 -4.70
C VAL A 266 -8.56 4.80 -5.79
N ASP A 267 -8.15 5.01 -7.04
CA ASP A 267 -9.02 4.79 -8.20
C ASP A 267 -9.28 3.31 -8.42
N TRP A 268 -8.24 2.49 -8.26
CA TRP A 268 -8.39 1.04 -8.43
C TRP A 268 -7.28 0.27 -7.73
N VAL A 269 -7.61 -0.95 -7.37
CA VAL A 269 -6.60 -1.99 -7.10
C VAL A 269 -6.94 -3.15 -8.03
N ARG A 270 -5.90 -3.71 -8.66
CA ARG A 270 -6.11 -4.82 -9.55
C ARG A 270 -4.97 -5.80 -9.40
N PHE A 271 -5.30 -7.06 -9.69
CA PHE A 271 -4.40 -8.15 -9.44
C PHE A 271 -4.52 -9.11 -10.61
N TYR A 272 -3.39 -9.62 -11.10
CA TYR A 272 -3.41 -10.58 -12.21
C TYR A 272 -2.54 -11.77 -11.91
N LYS A 273 -3.00 -12.94 -12.38
CA LYS A 273 -2.28 -14.19 -12.27
C LYS A 273 -1.81 -14.62 -13.65
N PRO A 274 -0.57 -15.09 -13.76
CA PRO A 274 -0.11 -15.56 -15.06
C PRO A 274 -0.60 -17.00 -15.29
N VAL A 275 -1.25 -17.22 -16.42
CA VAL A 275 -1.87 -18.50 -16.73
C VAL A 275 -1.57 -18.86 -18.18
N PRO A 276 -1.49 -20.17 -18.47
CA PRO A 276 -1.31 -20.58 -19.85
C PRO A 276 -2.36 -19.99 -20.81
N ILE A 277 -1.89 -19.60 -21.99
CA ILE A 277 -2.77 -19.21 -23.08
C ILE A 277 -3.57 -20.42 -23.54
N ASN A 278 -4.88 -20.27 -23.70
CA ASN A 278 -5.74 -21.40 -24.16
C ASN A 278 -5.49 -21.78 -25.62
NA NA B . -12.18 3.88 -9.83
NA NA C . 8.31 -17.57 3.72
C1 GOL D . 6.61 -16.60 -13.96
O1 GOL D . 6.71 -15.28 -14.56
C2 GOL D . 5.30 -17.25 -14.42
O2 GOL D . 5.51 -17.88 -15.69
C3 GOL D . 4.76 -18.22 -13.38
O3 GOL D . 4.40 -19.50 -13.94
C1 GOL E . 11.02 4.20 6.71
O1 GOL E . 12.43 3.95 6.68
C2 GOL E . 10.26 3.01 6.17
O2 GOL E . 10.96 1.87 6.58
C3 GOL E . 8.85 2.83 6.67
O3 GOL E . 8.47 1.44 6.65
#